data_2VNF
#
_entry.id   2VNF
#
_cell.length_a   68.516
_cell.length_b   68.516
_cell.length_c   28.174
_cell.angle_alpha   90.00
_cell.angle_beta   90.00
_cell.angle_gamma   90.00
#
_symmetry.space_group_name_H-M   'P 43'
#
loop_
_entity.id
_entity.type
_entity.pdbx_description
1 polymer 'INHIBITOR OF GROWTH PROTEIN 4'
2 polymer 'HISTONE H3'
3 non-polymer 'SODIUM ION'
4 non-polymer 2,3-DIHYDROXY-1,4-DITHIOBUTANE
5 non-polymer 'ZINC ION'
6 non-polymer (2R,3S)-1,4-DIMERCAPTOBUTANE-2,3-DIOL
7 water water
#
loop_
_entity_poly.entity_id
_entity_poly.type
_entity_poly.pdbx_seq_one_letter_code
_entity_poly.pdbx_strand_id
1 'polypeptide(L)' MDMPVDPNEPTYCLCHQVSYGEMIGCDNPDCSIEWFHFACVGLTTKPRGKWFCPRCSQER A,C
2 'polypeptide(L)' ART(M3L)QTARKS B,D
#
loop_
_chem_comp.id
_chem_comp.type
_chem_comp.name
_chem_comp.formula
DTT non-polymer 2,3-DIHYDROXY-1,4-DITHIOBUTANE 'C4 H10 O2 S2'
DTU non-polymer (2R,3S)-1,4-DIMERCAPTOBUTANE-2,3-DIOL 'C4 H10 O2 S2'
NA non-polymer 'SODIUM ION' 'Na 1'
ZN non-polymer 'ZINC ION' 'Zn 2'
#
# COMPACT_ATOMS: atom_id res chain seq x y z
N GLU A 9 -3.73 -0.28 -13.17
CA GLU A 9 -2.62 -0.26 -12.16
C GLU A 9 -2.15 -1.69 -11.87
N PRO A 10 -0.85 -1.99 -12.08
CA PRO A 10 -0.34 -3.33 -11.80
C PRO A 10 -0.43 -3.61 -10.31
N THR A 11 -0.60 -4.88 -9.96
CA THR A 11 -0.54 -5.29 -8.55
C THR A 11 0.69 -6.14 -8.23
N TYR A 12 1.03 -6.20 -6.93
CA TYR A 12 2.32 -6.71 -6.52
C TYR A 12 2.11 -7.45 -5.21
N CYS A 13 3.16 -8.16 -4.76
CA CYS A 13 3.24 -8.66 -3.38
C CYS A 13 2.38 -9.90 -3.08
N LEU A 14 2.55 -10.45 -1.89
CA LEU A 14 1.67 -11.48 -1.33
C LEU A 14 0.22 -11.03 -1.17
N CYS A 15 0.02 -9.71 -1.08
CA CYS A 15 -1.29 -9.15 -0.79
C CYS A 15 -2.01 -8.73 -2.07
N HIS A 16 -1.33 -8.78 -3.22
CA HIS A 16 -1.99 -8.45 -4.52
C HIS A 16 -2.57 -7.05 -4.64
N GLN A 17 -1.90 -6.06 -4.05
CA GLN A 17 -2.39 -4.69 -4.09
C GLN A 17 -1.41 -3.85 -4.93
N VAL A 18 -1.85 -2.65 -5.33
CA VAL A 18 -1.02 -1.68 -6.03
C VAL A 18 0.26 -1.30 -5.27
N SER A 19 1.23 -0.77 -6.00
CA SER A 19 2.41 -0.25 -5.35
C SER A 19 2.03 0.81 -4.31
N TYR A 20 2.67 0.77 -3.15
CA TYR A 20 2.64 1.89 -2.22
C TYR A 20 3.79 1.84 -1.24
N GLY A 21 4.17 3.00 -0.70
CA GLY A 21 5.24 3.08 0.29
C GLY A 21 6.51 2.48 -0.30
N GLU A 22 7.37 1.94 0.56
CA GLU A 22 8.63 1.42 0.08
C GLU A 22 8.42 -0.02 -0.34
N MET A 23 9.01 -0.39 -1.47
CA MET A 23 8.95 -1.78 -1.93
C MET A 23 10.32 -2.40 -2.08
N ILE A 24 10.38 -3.72 -1.96
CA ILE A 24 11.67 -4.43 -2.04
C ILE A 24 11.58 -5.50 -3.10
N GLY A 25 12.66 -5.68 -3.86
CA GLY A 25 12.61 -6.67 -4.95
C GLY A 25 13.30 -7.99 -4.57
N CYS A 26 12.71 -9.11 -4.97
CA CYS A 26 13.25 -10.42 -4.63
C CYS A 26 14.38 -10.71 -5.62
N ASP A 27 15.50 -11.21 -5.10
CA ASP A 27 16.67 -11.46 -5.96
C ASP A 27 16.68 -12.82 -6.68
N ASN A 28 15.60 -13.59 -6.58
CA ASN A 28 15.48 -14.77 -7.41
C ASN A 28 14.87 -14.32 -8.74
N PRO A 29 15.63 -14.41 -9.84
CA PRO A 29 15.13 -13.86 -11.11
C PRO A 29 13.87 -14.61 -11.53
N ASP A 30 13.60 -15.78 -10.93
CA ASP A 30 12.44 -16.59 -11.35
C ASP A 30 11.26 -16.38 -10.40
N CYS A 31 11.37 -15.39 -9.53
CA CYS A 31 10.35 -15.19 -8.53
C CYS A 31 9.04 -14.83 -9.23
N SER A 32 7.93 -15.34 -8.73
CA SER A 32 6.64 -15.13 -9.44
C SER A 32 6.01 -13.78 -9.06
N ILE A 33 6.54 -13.15 -8.03
CA ILE A 33 5.94 -11.91 -7.52
C ILE A 33 6.82 -10.68 -7.69
N GLU A 34 8.11 -10.86 -7.44
CA GLU A 34 9.16 -9.89 -7.76
C GLU A 34 9.29 -8.71 -6.84
N TRP A 35 8.16 -8.07 -6.49
CA TRP A 35 8.18 -6.83 -5.70
C TRP A 35 7.20 -6.95 -4.55
N PHE A 36 7.58 -6.46 -3.38
CA PHE A 36 6.82 -6.68 -2.15
C PHE A 36 6.76 -5.39 -1.35
N HIS A 37 5.64 -5.12 -0.69
CA HIS A 37 5.58 -4.00 0.28
C HIS A 37 6.42 -4.36 1.51
N PHE A 38 7.20 -3.40 1.99
CA PHE A 38 8.08 -3.69 3.14
C PHE A 38 7.29 -4.38 4.25
N ALA A 39 6.14 -3.84 4.62
CA ALA A 39 5.47 -4.35 5.84
C ALA A 39 4.98 -5.79 5.60
N CYS A 40 4.57 -6.08 4.35
CA CYS A 40 4.09 -7.41 4.04
C CYS A 40 5.16 -8.50 4.27
N VAL A 41 6.44 -8.12 4.18
CA VAL A 41 7.51 -9.08 4.39
C VAL A 41 8.30 -8.78 5.66
N GLY A 42 7.64 -8.09 6.60
CA GLY A 42 8.20 -7.85 7.94
C GLY A 42 9.34 -6.84 8.06
N LEU A 43 9.46 -5.91 7.11
CA LEU A 43 10.60 -4.99 7.11
C LEU A 43 10.19 -3.59 7.48
N THR A 44 11.07 -2.92 8.21
CA THR A 44 10.94 -1.49 8.42
C THR A 44 12.04 -0.75 7.70
N THR A 45 13.22 -1.35 7.62
CA THR A 45 14.29 -0.66 6.91
C THR A 45 14.95 -1.63 5.92
N LYS A 46 15.64 -1.06 4.94
CA LYS A 46 16.32 -1.81 3.89
C LYS A 46 17.40 -2.75 4.45
N PRO A 47 17.31 -4.03 4.07
CA PRO A 47 18.33 -5.01 4.37
C PRO A 47 19.54 -4.73 3.47
N ARG A 48 20.73 -5.10 3.91
CA ARG A 48 21.92 -4.96 3.07
C ARG A 48 22.14 -6.25 2.29
N GLY A 49 22.69 -6.14 1.09
CA GLY A 49 23.01 -7.31 0.26
C GLY A 49 21.76 -7.97 -0.32
N LYS A 50 21.93 -9.13 -0.97
CA LYS A 50 20.80 -9.79 -1.65
C LYS A 50 19.70 -10.20 -0.68
N TRP A 51 18.45 -10.16 -1.17
CA TRP A 51 17.29 -10.51 -0.35
C TRP A 51 16.37 -11.39 -1.17
N PHE A 52 15.87 -12.45 -0.54
CA PHE A 52 14.86 -13.29 -1.16
C PHE A 52 13.57 -13.30 -0.35
N CYS A 53 12.45 -13.36 -1.07
CA CYS A 53 11.11 -13.32 -0.46
C CYS A 53 10.76 -14.61 0.30
N PRO A 54 9.61 -14.60 0.95
CA PRO A 54 9.26 -15.77 1.74
C PRO A 54 8.96 -16.98 0.88
N ARG A 55 8.35 -16.78 -0.30
CA ARG A 55 8.10 -17.90 -1.20
C ARG A 55 9.39 -18.46 -1.79
N CYS A 56 10.39 -17.60 -1.98
CA CYS A 56 11.69 -18.04 -2.51
C CYS A 56 12.64 -18.55 -1.42
N SER A 57 12.51 -18.03 -0.21
CA SER A 57 13.38 -18.43 0.89
C SER A 57 13.00 -19.81 1.41
N GLN A 58 11.79 -20.27 1.06
CA GLN A 58 10.94 -21.06 1.94
C GLN A 58 11.10 -20.77 3.44
N ALA B 1 20.10 -4.73 -0.61
CA ALA B 1 18.82 -5.07 -1.29
C ALA B 1 18.29 -3.96 -2.20
N ARG B 2 17.52 -4.35 -3.21
CA ARG B 2 16.97 -3.35 -4.11
C ARG B 2 15.60 -2.90 -3.62
N THR B 3 15.44 -1.58 -3.46
CA THR B 3 14.19 -1.06 -2.95
C THR B 3 13.81 0.17 -3.77
N M3L B 4 12.53 0.50 -3.78
CA M3L B 4 12.11 1.72 -4.47
CB M3L B 4 11.59 1.44 -5.88
CG M3L B 4 10.48 0.39 -5.95
CD M3L B 4 9.99 0.23 -7.39
CE M3L B 4 8.86 -0.80 -7.41
NZ M3L B 4 8.26 -1.04 -8.73
C M3L B 4 11.06 2.37 -3.63
O M3L B 4 10.37 1.73 -2.85
CM1 M3L B 4 7.96 0.20 -9.46
CM2 M3L B 4 9.13 -1.85 -9.58
CM3 M3L B 4 7.01 -1.80 -8.52
N GLN B 5 10.91 3.68 -3.80
CA GLN B 5 9.76 4.38 -3.23
C GLN B 5 8.77 4.51 -4.36
N THR B 6 7.50 4.39 -4.01
CA THR B 6 6.42 4.35 -4.96
C THR B 6 6.25 5.70 -5.67
N VAL C 5 -5.09 -3.15 17.16
CA VAL C 5 -3.84 -2.94 17.94
C VAL C 5 -2.77 -2.08 17.24
N ASP C 6 -1.59 -2.01 17.85
CA ASP C 6 -0.29 -2.11 17.16
C ASP C 6 0.43 -0.82 16.76
N PRO C 7 1.14 -0.22 17.73
CA PRO C 7 1.46 1.20 17.66
C PRO C 7 2.43 1.51 16.52
N ASN C 8 3.14 0.49 16.04
CA ASN C 8 4.17 0.76 15.03
C ASN C 8 3.60 0.74 13.60
N GLU C 9 2.38 0.23 13.46
CA GLU C 9 1.73 0.17 12.15
C GLU C 9 1.39 1.58 11.66
N PRO C 10 1.68 1.87 10.39
CA PRO C 10 1.48 3.23 9.88
C PRO C 10 0.00 3.57 9.74
N THR C 11 -0.28 4.87 9.75
CA THR C 11 -1.65 5.38 9.76
C THR C 11 -1.86 6.23 8.52
N TYR C 12 -3.13 6.51 8.21
CA TYR C 12 -3.50 7.13 6.92
C TYR C 12 -4.79 7.94 7.14
N CYS C 13 -5.25 8.66 6.10
CA CYS C 13 -6.61 9.19 6.06
C CYS C 13 -6.77 10.43 6.94
N LEU C 14 -7.95 11.02 6.87
CA LEU C 14 -8.31 12.20 7.69
C LEU C 14 -8.34 11.81 9.15
N CYS C 15 -8.57 10.53 9.42
CA CYS C 15 -8.80 10.08 10.79
C CYS C 15 -7.49 9.65 11.43
N HIS C 16 -6.41 9.54 10.66
CA HIS C 16 -5.11 9.08 11.21
C HIS C 16 -5.11 7.71 11.89
N GLN C 17 -5.87 6.76 11.33
CA GLN C 17 -5.96 5.39 11.84
C GLN C 17 -5.26 4.44 10.88
N VAL C 18 -5.09 3.19 11.30
CA VAL C 18 -4.41 2.22 10.43
C VAL C 18 -5.31 1.80 9.25
N SER C 19 -4.73 1.11 8.27
CA SER C 19 -5.56 0.63 7.15
C SER C 19 -6.61 -0.37 7.61
N TYR C 20 -7.81 -0.24 7.05
CA TYR C 20 -8.82 -1.28 7.15
C TYR C 20 -9.83 -1.12 6.03
N GLY C 21 -10.51 -2.20 5.67
CA GLY C 21 -11.55 -2.15 4.65
C GLY C 21 -11.02 -1.65 3.32
N GLU C 22 -11.92 -1.10 2.52
CA GLU C 22 -11.52 -0.53 1.22
C GLU C 22 -10.99 0.88 1.40
N MET C 23 -9.94 1.20 0.65
CA MET C 23 -9.34 2.52 0.77
C MET C 23 -9.05 3.07 -0.62
N ILE C 24 -9.02 4.40 -0.74
CA ILE C 24 -8.92 5.04 -2.04
C ILE C 24 -7.78 6.01 -2.03
N GLY C 25 -7.05 6.11 -3.15
CA GLY C 25 -5.97 7.09 -3.26
C GLY C 25 -6.37 8.34 -4.03
N CYS C 26 -5.95 9.50 -3.54
CA CYS C 26 -6.30 10.76 -4.20
C CYS C 26 -5.61 10.90 -5.57
N ASP C 27 -6.31 11.38 -6.61
CA ASP C 27 -5.64 11.49 -7.90
C ASP C 27 -4.85 12.79 -8.12
N ASN C 28 -4.78 13.63 -7.09
CA ASN C 28 -3.82 14.72 -7.03
C ASN C 28 -2.49 14.16 -6.54
N PRO C 29 -1.48 14.11 -7.43
CA PRO C 29 -0.20 13.55 -6.99
C PRO C 29 0.46 14.35 -5.87
N ASP C 30 0.12 15.62 -5.68
CA ASP C 30 0.68 16.33 -4.52
C ASP C 30 -0.15 16.22 -3.20
N CYS C 31 -1.15 15.34 -3.15
CA CYS C 31 -2.01 15.28 -1.98
C CYS C 31 -1.16 14.97 -0.77
N SER C 32 -1.40 15.64 0.34
CA SER C 32 -0.70 15.37 1.59
C SER C 32 -1.01 13.98 2.17
N ILE C 33 -2.27 13.59 2.16
CA ILE C 33 -2.70 12.40 2.90
C ILE C 33 -2.62 11.16 2.00
N GLU C 34 -3.04 11.33 0.76
CA GLU C 34 -3.02 10.29 -0.26
C GLU C 34 -4.04 9.14 -0.16
N TRP C 35 -4.07 8.45 0.98
CA TRP C 35 -4.95 7.29 1.13
C TRP C 35 -6.01 7.52 2.18
N PHE C 36 -7.24 7.10 1.87
CA PHE C 36 -8.40 7.40 2.68
C PHE C 36 -9.27 6.15 2.86
N HIS C 37 -9.86 5.94 4.05
CA HIS C 37 -10.86 4.87 4.19
C HIS C 37 -12.12 5.31 3.48
N PHE C 38 -12.81 4.40 2.79
CA PHE C 38 -13.99 4.79 2.02
C PHE C 38 -14.96 5.57 2.89
N ALA C 39 -15.27 5.08 4.09
CA ALA C 39 -16.36 5.73 4.85
C ALA C 39 -15.94 7.14 5.26
N CYS C 40 -14.65 7.33 5.49
CA CYS C 40 -14.18 8.65 5.95
C CYS C 40 -14.36 9.71 4.90
N VAL C 41 -14.51 9.27 3.66
CA VAL C 41 -14.76 10.23 2.58
C VAL C 41 -16.12 10.04 1.89
N GLY C 42 -17.05 9.38 2.56
CA GLY C 42 -18.43 9.34 2.10
C GLY C 42 -18.70 8.40 0.94
N LEU C 43 -17.85 7.39 0.79
CA LEU C 43 -17.93 6.39 -0.29
C LEU C 43 -18.43 5.06 0.26
N THR C 44 -19.31 4.38 -0.48
CA THR C 44 -19.69 3.03 -0.10
C THR C 44 -19.25 2.02 -1.16
N THR C 45 -19.02 2.51 -2.37
CA THR C 45 -18.48 1.70 -3.47
C THR C 45 -17.42 2.49 -4.22
N LYS C 46 -16.60 1.77 -4.99
CA LYS C 46 -15.46 2.35 -5.73
C LYS C 46 -15.98 3.23 -6.86
N PRO C 47 -15.57 4.51 -6.92
CA PRO C 47 -15.91 5.33 -8.09
C PRO C 47 -15.27 4.78 -9.36
N ARG C 48 -15.94 4.84 -10.51
CA ARG C 48 -15.22 4.71 -11.78
C ARG C 48 -14.50 6.03 -12.09
N GLY C 49 -13.35 5.95 -12.76
CA GLY C 49 -12.64 7.18 -13.10
C GLY C 49 -12.02 7.89 -11.91
N LYS C 50 -11.64 9.14 -12.12
CA LYS C 50 -10.74 9.89 -11.24
C LYS C 50 -11.48 10.29 -9.98
N TRP C 51 -10.73 10.33 -8.87
CA TRP C 51 -11.31 10.75 -7.60
C TRP C 51 -10.30 11.65 -6.89
N PHE C 52 -10.80 12.75 -6.30
CA PHE C 52 -9.99 13.66 -5.51
C PHE C 52 -10.57 13.80 -4.11
N CYS C 53 -9.68 13.96 -3.14
CA CYS C 53 -10.15 13.92 -1.76
C CYS C 53 -10.83 15.26 -1.47
N PRO C 54 -11.54 15.34 -0.33
CA PRO C 54 -12.32 16.52 0.05
C PRO C 54 -11.45 17.76 0.11
N ARG C 55 -10.31 17.66 0.77
CA ARG C 55 -9.30 18.71 0.72
C ARG C 55 -9.02 19.19 -0.70
N CYS C 56 -8.41 18.31 -1.50
CA CYS C 56 -7.88 18.67 -2.80
C CYS C 56 -8.96 19.17 -3.70
N SER C 57 -10.20 18.80 -3.40
CA SER C 57 -11.28 19.17 -4.28
C SER C 57 -11.82 20.51 -3.77
N GLN C 58 -11.22 20.96 -2.67
CA GLN C 58 -11.69 22.09 -1.87
C GLN C 58 -13.19 22.12 -1.61
N ALA D 1 -10.75 4.66 -10.38
CA ALA D 1 -10.04 5.25 -9.21
C ALA D 1 -9.02 4.22 -8.69
N ARG D 2 -7.97 4.68 -8.01
CA ARG D 2 -6.94 3.84 -7.45
C ARG D 2 -7.39 3.38 -6.05
N THR D 3 -7.50 2.08 -5.82
CA THR D 3 -8.02 1.60 -4.55
C THR D 3 -7.17 0.43 -4.04
N M3L D 4 -7.28 0.15 -2.76
CA M3L D 4 -6.67 -1.02 -2.18
CB M3L D 4 -5.27 -0.75 -1.63
CG M3L D 4 -5.23 0.19 -0.44
CD M3L D 4 -3.83 0.22 0.18
CE M3L D 4 -3.97 1.26 1.28
NZ M3L D 4 -2.73 1.62 1.99
C M3L D 4 -7.60 -1.66 -1.19
O M3L D 4 -8.45 -0.98 -0.58
CM1 M3L D 4 -2.19 0.43 2.68
CM2 M3L D 4 -1.70 2.23 1.12
CM3 M3L D 4 -3.18 2.61 2.99
N GLN D 5 -7.48 -2.97 -1.04
CA GLN D 5 -8.34 -3.71 -0.10
C GLN D 5 -7.46 -4.13 1.06
N THR D 6 -8.05 -4.26 2.25
CA THR D 6 -7.30 -4.65 3.44
C THR D 6 -7.99 -5.87 4.00
N ALA D 7 -7.23 -6.89 4.44
CA ALA D 7 -7.90 -8.04 5.04
C ALA D 7 -8.48 -7.65 6.38
N ARG D 8 -7.81 -6.77 7.13
N ARG D 8 -7.58 -7.05 7.17
CA ARG D 8 -8.48 -5.68 7.85
CA ARG D 8 -7.86 -5.86 7.90
C ARG D 8 -7.71 -4.63 8.65
C ARG D 8 -6.96 -5.38 9.00
N LYS D 9 -7.62 -4.73 9.97
CA LYS D 9 -7.01 -3.63 10.73
C LYS D 9 -5.46 -3.66 10.85
N SER D 10 -4.77 -3.15 9.81
CA SER D 10 -3.83 -4.00 9.05
C SER D 10 -2.48 -4.34 9.67
NA NA E . 2.48 -17.09 -4.97
S1 DTT F . 1.04 -12.92 -7.30
C1 DTT F . -0.63 -13.34 -6.88
C2 DTT F . -0.44 -14.61 -6.16
O2 DTT F . -1.66 -15.33 -6.33
C3 DTT F . 0.01 -14.80 -4.79
O3 DTT F . 1.07 -13.94 -4.48
C4 DTT F . -1.31 -14.75 -4.00
S4 DTT F . -2.16 -16.34 -4.01
ZN ZN G . 1.87 -6.32 0.18
ZN ZN H . 10.80 -14.34 -4.51
S1 DTU I . -4.98 18.28 10.43
C1 DTU I . -5.19 17.07 11.76
C2 DTU I . -4.40 15.80 11.47
O2 DTU I . -4.73 15.29 10.20
C3 DTU I . -2.90 16.05 11.57
O3 DTU I . -2.47 15.57 12.83
C4 DTU I . -2.09 15.45 10.41
S4 DTU I . -3.10 14.75 9.07
ZN ZN J . -10.21 7.29 7.84
ZN ZN K . -6.11 14.82 -2.02
#